data_7UK1
#
_entry.id   7UK1
#
_cell.length_a   61.451
_cell.length_b   64.658
_cell.length_c   68.837
_cell.angle_alpha   90.000
_cell.angle_beta   97.790
_cell.angle_gamma   90.000
#
_symmetry.space_group_name_H-M   'P 1 21 1'
#
loop_
_entity.id
_entity.type
_entity.pdbx_description
1 polymer 'Splicing factor, proline- and glutamine-rich'
2 non-polymer 'MAGNESIUM ION'
3 water water
#
_entity_poly.entity_id   1
_entity_poly.type   'polypeptide(L)'
_entity_poly.pdbx_seq_one_letter_code
;MKHHHHHHPMSDYDIPTTENLYFQGAMGGPKPGGGPGLSTPGGHPKPPHRGGGEPRGGRQHHPPYHQQHHQGPPPGGPGG
RSEEKISDSEGFKANLSLLRRPGEKTYTQRCRLFVGNLPADITEDEFKRLFAKYGEPGEVFINKGKGFGFIKLESRALAE
IAKAELDDTPMRGRQLRVRFATHAAALSVRNLSPYVSNELLEEAFSQFGPIERAVVIVDDRGRSTGKGIVEFASKPAARK
AFERCSEGVFLLTTTPRPVIVEPLEQLDDEDGLPEKLAQKNPMYQKERETPPRFAQHGTFEYEYSQRWKSLDEMEKQQRE
QVEKNMKDAKDKLESEMEDAYHEHQANLLRQDLMRRQEELRRMEELHNQEMQKRKEMQLRQEEERRRREEEMMIRQREME
EQMRRQREESYS
;
_entity_poly.pdbx_strand_id   A,B
#
loop_
_chem_comp.id
_chem_comp.type
_chem_comp.name
_chem_comp.formula
MG non-polymer 'MAGNESIUM ION' 'Mg 2'
#
# COMPACT_ATOMS: atom_id res chain seq x y z
N ARG A 100 4.79 -19.98 17.64
CA ARG A 100 4.70 -20.23 16.16
C ARG A 100 3.64 -19.31 15.57
N ARG A 101 2.37 -19.72 15.74
CA ARG A 101 1.18 -18.95 15.41
C ARG A 101 -0.01 -19.61 16.12
N PRO A 102 -0.57 -18.99 17.19
CA PRO A 102 -1.65 -19.59 17.97
C PRO A 102 -3.03 -19.47 17.33
N GLY A 103 -3.71 -20.61 17.18
CA GLY A 103 -5.03 -20.67 16.56
C GLY A 103 -4.95 -20.86 15.05
N GLU A 104 -3.77 -21.28 14.59
CA GLU A 104 -3.44 -21.56 13.20
C GLU A 104 -3.70 -20.36 12.29
N LYS A 105 -2.82 -20.24 11.30
CA LYS A 105 -3.13 -19.80 9.95
C LYS A 105 -1.92 -20.22 9.11
N THR A 106 -1.56 -21.50 9.28
CA THR A 106 -0.28 -22.06 8.91
C THR A 106 -0.21 -22.34 7.42
N TYR A 107 0.98 -22.14 6.84
CA TYR A 107 1.27 -22.62 5.51
C TYR A 107 0.27 -22.02 4.53
N THR A 108 -0.14 -20.79 4.81
CA THR A 108 -0.98 -20.07 3.87
C THR A 108 -0.10 -19.23 2.94
N GLN A 109 -0.79 -18.59 1.99
CA GLN A 109 -0.11 -17.89 0.92
C GLN A 109 0.74 -16.77 1.53
N ARG A 110 0.38 -16.35 2.74
CA ARG A 110 1.17 -15.31 3.39
C ARG A 110 2.47 -15.87 3.93
N CYS A 111 2.63 -17.19 3.85
CA CYS A 111 3.91 -17.77 4.24
C CYS A 111 4.66 -18.22 3.00
N ARG A 112 4.14 -17.88 1.80
CA ARG A 112 4.84 -18.20 0.58
C ARG A 112 5.92 -17.16 0.25
N LEU A 113 7.18 -17.60 0.27
CA LEU A 113 8.32 -16.79 -0.11
C LEU A 113 8.78 -17.21 -1.51
N PHE A 114 9.46 -16.28 -2.17
CA PHE A 114 9.99 -16.53 -3.51
C PHE A 114 11.50 -16.30 -3.49
N VAL A 115 12.17 -16.97 -4.43
CA VAL A 115 13.62 -16.92 -4.49
C VAL A 115 14.12 -17.14 -5.92
N GLY A 116 14.75 -16.09 -6.46
CA GLY A 116 15.50 -16.15 -7.72
C GLY A 116 17.02 -16.12 -7.52
N ASN A 117 17.74 -16.14 -8.65
CA ASN A 117 19.20 -16.17 -8.67
C ASN A 117 19.73 -17.42 -7.98
N LEU A 118 18.96 -18.51 -8.13
CA LEU A 118 19.47 -19.83 -7.88
C LEU A 118 20.56 -20.12 -8.90
N PRO A 119 21.75 -20.59 -8.46
CA PRO A 119 22.74 -21.17 -9.38
C PRO A 119 22.15 -22.38 -10.11
N ALA A 120 22.69 -22.64 -11.31
CA ALA A 120 22.10 -23.57 -12.26
C ALA A 120 22.09 -25.00 -11.73
N ASP A 121 22.92 -25.30 -10.73
CA ASP A 121 23.00 -26.64 -10.13
C ASP A 121 22.25 -26.66 -8.79
N ILE A 122 20.95 -26.97 -8.84
CA ILE A 122 20.09 -26.91 -7.67
C ILE A 122 19.04 -28.02 -7.73
N THR A 123 18.83 -28.69 -6.59
CA THR A 123 17.88 -29.79 -6.49
C THR A 123 16.69 -29.39 -5.64
N GLU A 124 15.63 -30.21 -5.70
CA GLU A 124 14.48 -30.09 -4.81
C GLU A 124 14.98 -30.11 -3.36
N ASP A 125 16.07 -30.83 -3.13
CA ASP A 125 16.47 -31.16 -1.77
C ASP A 125 17.38 -30.08 -1.19
N GLU A 126 18.29 -29.52 -2.01
CA GLU A 126 19.29 -28.57 -1.51
C GLU A 126 18.60 -27.29 -1.02
N PHE A 127 17.64 -26.84 -1.84
CA PHE A 127 16.71 -25.77 -1.51
C PHE A 127 16.24 -25.95 -0.07
N LYS A 128 15.53 -27.06 0.17
CA LYS A 128 14.93 -27.36 1.47
C LYS A 128 15.97 -27.19 2.56
N ARG A 129 17.21 -27.64 2.29
CA ARG A 129 18.31 -27.69 3.24
C ARG A 129 18.65 -26.26 3.62
N LEU A 130 18.42 -25.36 2.66
CA LEU A 130 18.64 -23.94 2.86
C LEU A 130 17.66 -23.38 3.90
N PHE A 131 16.40 -23.90 3.93
CA PHE A 131 15.33 -23.43 4.81
C PHE A 131 14.88 -24.46 5.85
N ALA A 132 15.75 -25.38 6.29
CA ALA A 132 15.29 -26.31 7.31
C ALA A 132 15.51 -25.74 8.70
N LYS A 133 16.31 -24.67 8.77
CA LYS A 133 16.46 -23.87 9.97
C LYS A 133 15.08 -23.49 10.50
N TYR A 134 14.11 -23.26 9.61
CA TYR A 134 12.86 -22.60 9.96
C TYR A 134 11.72 -23.61 9.89
N GLY A 135 12.09 -24.90 9.93
CA GLY A 135 11.12 -25.95 10.24
C GLY A 135 10.56 -26.67 9.01
N GLU A 136 9.47 -27.40 9.26
CA GLU A 136 8.97 -28.42 8.35
C GLU A 136 8.29 -27.77 7.15
N PRO A 137 8.96 -27.66 5.98
CA PRO A 137 8.41 -26.92 4.84
C PRO A 137 7.09 -27.51 4.32
N GLY A 138 6.33 -26.68 3.58
CA GLY A 138 5.12 -27.13 2.91
C GLY A 138 5.38 -27.22 1.42
N GLU A 139 4.38 -26.86 0.57
CA GLU A 139 4.49 -26.89 -0.87
C GLU A 139 5.79 -26.23 -1.29
N VAL A 140 6.49 -26.83 -2.25
CA VAL A 140 7.74 -26.33 -2.78
C VAL A 140 7.56 -26.32 -4.30
N PHE A 141 8.13 -25.34 -5.00
CA PHE A 141 8.21 -25.44 -6.46
C PHE A 141 9.52 -24.82 -6.95
N ILE A 142 10.13 -25.45 -7.96
CA ILE A 142 11.33 -24.95 -8.61
C ILE A 142 11.17 -25.04 -10.13
N ASN A 143 11.52 -23.96 -10.84
CA ASN A 143 11.95 -24.11 -12.22
C ASN A 143 13.45 -23.85 -12.29
N LYS A 144 14.23 -24.91 -12.03
CA LYS A 144 15.69 -24.91 -11.97
C LYS A 144 16.24 -24.28 -13.23
N GLY A 145 15.53 -24.50 -14.35
CA GLY A 145 15.79 -23.82 -15.61
C GLY A 145 15.95 -22.32 -15.40
N LYS A 146 14.92 -21.70 -14.82
CA LYS A 146 14.87 -20.25 -14.79
C LYS A 146 15.29 -19.72 -13.42
N GLY A 147 15.76 -20.63 -12.56
CA GLY A 147 16.57 -20.28 -11.40
C GLY A 147 15.80 -19.51 -10.33
N PHE A 148 14.56 -19.92 -10.12
CA PHE A 148 13.67 -19.34 -9.13
C PHE A 148 12.97 -20.50 -8.39
N GLY A 149 12.48 -20.23 -7.18
CA GLY A 149 11.80 -21.26 -6.42
C GLY A 149 10.84 -20.65 -5.41
N PHE A 150 9.81 -21.43 -5.04
CA PHE A 150 8.85 -21.06 -4.01
C PHE A 150 8.80 -22.12 -2.92
N ILE A 151 8.45 -21.68 -1.70
CA ILE A 151 8.43 -22.48 -0.48
C ILE A 151 7.36 -21.92 0.45
N LYS A 152 6.65 -22.82 1.16
CA LYS A 152 5.73 -22.35 2.18
C LYS A 152 6.28 -22.70 3.56
N LEU A 153 6.27 -21.74 4.48
CA LEU A 153 6.61 -22.00 5.86
C LEU A 153 5.36 -22.10 6.75
N GLU A 154 5.55 -22.45 8.02
CA GLU A 154 4.40 -22.67 8.88
C GLU A 154 3.73 -21.34 9.20
N SER A 155 4.52 -20.26 9.29
CA SER A 155 4.03 -19.03 9.86
C SER A 155 4.63 -17.78 9.21
N ARG A 156 3.82 -16.72 9.22
CA ARG A 156 4.21 -15.43 8.69
C ARG A 156 5.53 -15.04 9.35
N ALA A 157 5.65 -15.33 10.65
CA ALA A 157 6.83 -14.90 11.38
C ALA A 157 8.06 -15.59 10.82
N LEU A 158 7.93 -16.91 10.57
CA LEU A 158 9.07 -17.66 10.10
C LEU A 158 9.49 -17.10 8.75
N ALA A 159 8.50 -16.91 7.89
CA ALA A 159 8.70 -16.34 6.56
C ALA A 159 9.40 -14.99 6.67
N GLU A 160 9.00 -14.19 7.66
CA GLU A 160 9.66 -12.91 7.80
C GLU A 160 11.15 -13.11 8.12
N ILE A 161 11.45 -14.03 9.04
CA ILE A 161 12.82 -14.21 9.51
C ILE A 161 13.69 -14.80 8.40
N ALA A 162 13.17 -15.90 7.82
CA ALA A 162 13.78 -16.49 6.64
C ALA A 162 14.18 -15.35 5.69
N LYS A 163 13.18 -14.59 5.17
CA LYS A 163 13.44 -13.46 4.30
C LYS A 163 14.52 -12.55 4.88
N ALA A 164 14.35 -12.11 6.13
CA ALA A 164 15.37 -11.21 6.63
C ALA A 164 16.72 -11.92 6.55
N GLU A 165 16.74 -13.23 6.87
CA GLU A 165 18.05 -13.87 7.00
C GLU A 165 18.66 -14.17 5.63
N LEU A 166 17.85 -14.62 4.67
CA LEU A 166 18.41 -15.13 3.43
C LEU A 166 18.35 -14.13 2.26
N ASP A 167 17.98 -12.86 2.51
CA ASP A 167 18.03 -11.98 1.36
C ASP A 167 19.45 -11.49 1.15
N ASP A 168 19.82 -11.38 -0.13
CA ASP A 168 21.09 -10.84 -0.57
C ASP A 168 22.21 -11.48 0.22
N THR A 169 22.22 -12.82 0.17
CA THR A 169 23.28 -13.63 0.75
C THR A 169 23.75 -14.66 -0.29
N PRO A 170 25.04 -15.05 -0.29
CA PRO A 170 25.60 -15.78 -1.43
C PRO A 170 25.20 -17.26 -1.44
N MET A 171 25.15 -17.85 -2.65
CA MET A 171 25.03 -19.29 -2.81
C MET A 171 25.68 -19.71 -4.14
N ARG A 172 26.95 -20.16 -4.05
CA ARG A 172 27.78 -20.45 -5.21
CA ARG A 172 27.80 -20.44 -5.20
C ARG A 172 27.85 -19.21 -6.10
N GLY A 173 28.40 -18.11 -5.55
CA GLY A 173 28.62 -16.88 -6.32
C GLY A 173 27.42 -15.95 -6.31
N ARG A 174 26.22 -16.49 -6.60
CA ARG A 174 24.96 -15.79 -6.77
C ARG A 174 24.45 -15.24 -5.42
N GLN A 175 24.05 -13.95 -5.41
CA GLN A 175 23.32 -13.35 -4.29
C GLN A 175 21.83 -13.64 -4.49
N LEU A 176 21.08 -13.63 -3.39
CA LEU A 176 19.75 -14.24 -3.37
C LEU A 176 18.67 -13.17 -3.40
N ARG A 177 17.56 -13.53 -4.04
CA ARG A 177 16.37 -12.70 -4.13
C ARG A 177 15.28 -13.37 -3.33
N VAL A 178 15.14 -13.01 -2.06
CA VAL A 178 13.99 -13.45 -1.28
C VAL A 178 12.95 -12.33 -1.29
N ARG A 179 11.69 -12.70 -1.52
CA ARG A 179 10.60 -11.74 -1.57
C ARG A 179 9.33 -12.46 -1.12
N PHE A 180 8.43 -11.72 -0.50
CA PHE A 180 7.16 -12.39 -0.31
C PHE A 180 6.54 -12.59 -1.68
N ALA A 181 5.85 -13.72 -1.82
CA ALA A 181 5.27 -14.11 -3.08
C ALA A 181 3.96 -13.33 -3.19
N THR A 182 3.59 -12.93 -4.40
CA THR A 182 2.39 -12.11 -4.53
C THR A 182 1.21 -13.07 -4.47
N HIS A 183 0.31 -12.85 -3.51
CA HIS A 183 -0.87 -13.67 -3.27
C HIS A 183 -1.65 -13.87 -4.56
N ALA A 184 -2.16 -15.07 -4.75
CA ALA A 184 -2.81 -15.43 -6.00
C ALA A 184 -4.32 -15.30 -5.91
N ALA A 185 -4.88 -15.22 -4.68
CA ALA A 185 -6.33 -15.33 -4.50
C ALA A 185 -6.86 -14.20 -3.63
N ALA A 186 -6.80 -12.98 -4.19
CA ALA A 186 -6.88 -11.75 -3.41
C ALA A 186 -7.81 -10.78 -4.11
N LEU A 187 -8.74 -10.20 -3.34
CA LEU A 187 -9.71 -9.25 -3.84
C LEU A 187 -9.65 -8.02 -2.97
N SER A 188 -9.96 -6.86 -3.59
CA SER A 188 -10.33 -5.64 -2.91
C SER A 188 -11.84 -5.70 -2.61
N VAL A 189 -12.26 -5.09 -1.48
CA VAL A 189 -13.67 -4.89 -1.16
C VAL A 189 -13.89 -3.41 -0.80
N ARG A 190 -15.03 -2.80 -1.21
CA ARG A 190 -15.36 -1.39 -0.90
C ARG A 190 -16.86 -1.11 -0.73
N ASN A 191 -17.14 0.11 -0.22
CA ASN A 191 -18.45 0.55 0.26
C ASN A 191 -18.82 -0.15 1.58
N LEU A 192 -17.87 -0.20 2.53
CA LEU A 192 -18.10 -0.89 3.78
C LEU A 192 -18.69 0.03 4.86
N SER A 193 -19.76 -0.41 5.55
CA SER A 193 -20.15 0.23 6.81
C SER A 193 -18.93 0.43 7.71
N PRO A 194 -18.72 1.67 8.22
CA PRO A 194 -17.68 1.95 9.20
C PRO A 194 -17.74 0.91 10.30
N TYR A 195 -18.88 0.19 10.38
CA TYR A 195 -19.11 -0.66 11.54
C TYR A 195 -18.79 -2.12 11.24
N VAL A 196 -18.36 -2.43 10.02
CA VAL A 196 -17.84 -3.75 9.73
C VAL A 196 -16.44 -3.88 10.35
N SER A 197 -16.13 -5.08 10.82
CA SER A 197 -14.87 -5.38 11.49
C SER A 197 -14.14 -6.40 10.62
N ASN A 198 -12.82 -6.56 10.88
CA ASN A 198 -12.05 -7.60 10.22
C ASN A 198 -12.79 -8.93 10.43
N GLU A 199 -13.25 -9.19 11.66
CA GLU A 199 -13.90 -10.46 11.93
C GLU A 199 -15.09 -10.67 11.00
N LEU A 200 -16.07 -9.75 11.04
CA LEU A 200 -17.30 -9.86 10.24
C LEU A 200 -16.99 -10.18 8.79
N LEU A 201 -16.04 -9.45 8.22
CA LEU A 201 -15.79 -9.49 6.80
C LEU A 201 -15.26 -10.87 6.38
N GLU A 202 -14.40 -11.41 7.23
CA GLU A 202 -13.92 -12.78 7.16
C GLU A 202 -15.11 -13.73 7.24
N GLU A 203 -15.99 -13.48 8.20
CA GLU A 203 -17.10 -14.40 8.40
C GLU A 203 -17.94 -14.49 7.12
N ALA A 204 -18.33 -13.32 6.60
CA ALA A 204 -19.23 -13.19 5.48
C ALA A 204 -18.66 -13.86 4.23
N PHE A 205 -17.34 -13.86 4.12
CA PHE A 205 -16.73 -14.22 2.86
C PHE A 205 -16.46 -15.72 2.74
N SER A 206 -16.19 -16.38 3.89
CA SER A 206 -16.04 -17.83 4.05
C SER A 206 -17.15 -18.64 3.35
N GLN A 207 -18.37 -18.09 3.33
CA GLN A 207 -19.44 -18.60 2.47
C GLN A 207 -19.01 -18.83 1.01
N PHE A 208 -17.75 -18.54 0.65
CA PHE A 208 -17.31 -18.68 -0.72
C PHE A 208 -16.18 -19.71 -0.84
N GLY A 209 -15.73 -20.23 0.29
CA GLY A 209 -14.61 -21.17 0.34
C GLY A 209 -13.65 -20.77 1.45
N PRO A 210 -12.67 -21.62 1.82
CA PRO A 210 -11.89 -21.34 3.02
C PRO A 210 -11.14 -20.03 2.77
N ILE A 211 -11.04 -19.22 3.83
CA ILE A 211 -10.37 -17.94 3.81
C ILE A 211 -9.09 -18.01 4.62
N GLU A 212 -8.02 -17.40 4.10
CA GLU A 212 -6.78 -17.26 4.83
C GLU A 212 -6.82 -16.04 5.74
N ARG A 213 -7.55 -15.01 5.34
CA ARG A 213 -7.39 -13.71 5.98
C ARG A 213 -8.34 -12.70 5.38
N ALA A 214 -8.79 -11.74 6.20
CA ALA A 214 -9.55 -10.62 5.64
C ALA A 214 -9.36 -9.38 6.50
N VAL A 215 -9.04 -8.26 5.85
CA VAL A 215 -8.71 -7.10 6.67
C VAL A 215 -9.49 -5.89 6.13
N VAL A 216 -9.68 -4.91 7.03
CA VAL A 216 -10.32 -3.64 6.74
C VAL A 216 -9.31 -2.50 6.85
N ILE A 217 -9.00 -1.82 5.72
CA ILE A 217 -7.94 -0.81 5.70
C ILE A 217 -8.32 0.41 6.54
N VAL A 218 -7.41 0.84 7.44
CA VAL A 218 -7.76 1.91 8.38
C VAL A 218 -6.76 3.06 8.27
N ASP A 219 -7.21 4.26 8.63
CA ASP A 219 -6.38 5.45 8.47
C ASP A 219 -5.40 5.57 9.63
N ASP A 220 -4.52 6.59 9.61
CA ASP A 220 -3.51 6.67 10.65
C ASP A 220 -4.20 7.03 11.96
N ARG A 221 -5.52 7.19 11.89
CA ARG A 221 -6.35 7.35 13.07
C ARG A 221 -7.15 6.06 13.30
N GLY A 222 -6.86 5.02 12.53
CA GLY A 222 -7.49 3.73 12.77
C GLY A 222 -8.98 3.73 12.41
N ARG A 223 -9.41 4.71 11.61
CA ARG A 223 -10.77 4.72 11.16
C ARG A 223 -10.86 3.94 9.85
N SER A 224 -11.94 3.17 9.72
CA SER A 224 -12.25 2.39 8.53
C SER A 224 -12.25 3.34 7.33
N THR A 225 -11.53 2.94 6.29
CA THR A 225 -11.35 3.71 5.09
C THR A 225 -12.47 3.36 4.12
N GLY A 226 -13.28 2.37 4.52
CA GLY A 226 -14.37 1.89 3.69
C GLY A 226 -13.92 0.84 2.67
N LYS A 227 -12.60 0.54 2.61
CA LYS A 227 -12.10 -0.57 1.81
C LYS A 227 -11.41 -1.62 2.70
N GLY A 228 -11.16 -2.79 2.11
CA GLY A 228 -10.33 -3.80 2.74
C GLY A 228 -9.93 -4.90 1.74
N ILE A 229 -9.19 -5.90 2.25
CA ILE A 229 -8.79 -7.03 1.39
C ILE A 229 -9.46 -8.33 1.86
N VAL A 230 -9.72 -9.19 0.89
CA VAL A 230 -10.13 -10.52 1.25
C VAL A 230 -9.21 -11.48 0.54
N GLU A 231 -8.55 -12.33 1.32
CA GLU A 231 -7.54 -13.26 0.81
C GLU A 231 -8.06 -14.67 1.00
N PHE A 232 -8.21 -15.42 -0.10
CA PHE A 232 -8.72 -16.77 -0.08
C PHE A 232 -7.56 -17.75 -0.12
N ALA A 233 -7.83 -18.97 0.37
CA ALA A 233 -6.90 -20.09 0.28
C ALA A 233 -6.55 -20.31 -1.19
N SER A 234 -7.54 -20.72 -1.98
CA SER A 234 -7.37 -21.08 -3.39
C SER A 234 -7.95 -20.00 -4.29
N LYS A 235 -7.69 -20.12 -5.59
CA LYS A 235 -8.21 -19.15 -6.54
C LYS A 235 -9.68 -19.42 -6.83
N PRO A 236 -10.11 -20.70 -7.01
CA PRO A 236 -11.50 -21.01 -7.35
C PRO A 236 -12.54 -20.32 -6.46
N ALA A 237 -12.21 -20.19 -5.17
CA ALA A 237 -13.03 -19.53 -4.18
C ALA A 237 -13.15 -18.03 -4.51
N ALA A 238 -12.03 -17.44 -4.93
CA ALA A 238 -11.95 -16.03 -5.28
C ALA A 238 -12.74 -15.72 -6.55
N ARG A 239 -12.73 -16.66 -7.50
CA ARG A 239 -13.52 -16.55 -8.72
C ARG A 239 -14.99 -16.38 -8.33
N LYS A 240 -15.50 -17.38 -7.61
CA LYS A 240 -16.87 -17.45 -7.12
C LYS A 240 -17.22 -16.12 -6.46
N ALA A 241 -16.54 -15.81 -5.34
CA ALA A 241 -16.72 -14.55 -4.65
C ALA A 241 -16.99 -13.41 -5.63
N PHE A 242 -16.08 -13.22 -6.58
CA PHE A 242 -16.07 -12.02 -7.40
C PHE A 242 -17.26 -11.99 -8.36
N GLU A 243 -17.62 -13.20 -8.80
CA GLU A 243 -18.76 -13.44 -9.67
C GLU A 243 -20.03 -13.13 -8.89
N ARG A 244 -20.28 -13.97 -7.87
CA ARG A 244 -21.49 -13.92 -7.06
C ARG A 244 -21.83 -12.47 -6.74
N CYS A 245 -20.77 -11.68 -6.50
CA CYS A 245 -20.90 -10.35 -5.92
C CYS A 245 -21.04 -9.25 -6.95
N SER A 246 -20.59 -9.54 -8.18
CA SER A 246 -20.87 -8.69 -9.32
C SER A 246 -22.29 -8.97 -9.82
N GLU A 247 -22.62 -10.25 -10.01
CA GLU A 247 -23.97 -10.66 -10.42
C GLU A 247 -25.00 -10.20 -9.38
N GLY A 248 -24.73 -10.40 -8.08
CA GLY A 248 -25.73 -10.25 -7.04
C GLY A 248 -25.60 -8.96 -6.23
N VAL A 249 -26.41 -8.86 -5.17
CA VAL A 249 -26.25 -7.83 -4.16
C VAL A 249 -25.90 -8.44 -2.80
N PHE A 250 -24.60 -8.36 -2.46
CA PHE A 250 -24.15 -8.85 -1.17
C PHE A 250 -24.22 -7.68 -0.20
N LEU A 251 -24.88 -7.96 0.92
CA LEU A 251 -25.00 -7.00 2.00
C LEU A 251 -24.36 -7.64 3.22
N LEU A 252 -23.96 -6.83 4.21
CA LEU A 252 -23.23 -7.38 5.34
C LEU A 252 -23.87 -6.99 6.67
N THR A 253 -24.50 -5.80 6.64
CA THR A 253 -25.12 -5.17 7.79
C THR A 253 -26.54 -4.77 7.42
N THR A 254 -27.27 -4.25 8.40
CA THR A 254 -28.68 -3.98 8.28
C THR A 254 -28.91 -2.95 7.16
N THR A 255 -28.28 -1.80 7.32
CA THR A 255 -28.35 -0.75 6.31
C THR A 255 -27.79 -1.36 5.02
N PRO A 256 -28.57 -1.35 3.92
CA PRO A 256 -28.14 -1.97 2.67
C PRO A 256 -27.02 -1.17 2.03
N ARG A 257 -25.79 -1.45 2.46
CA ARG A 257 -24.59 -1.09 1.72
C ARG A 257 -24.13 -2.33 0.95
N PRO A 258 -24.24 -2.26 -0.39
CA PRO A 258 -23.74 -3.31 -1.27
C PRO A 258 -22.22 -3.33 -1.42
N VAL A 259 -21.65 -4.52 -1.24
CA VAL A 259 -20.22 -4.71 -1.27
C VAL A 259 -19.79 -4.58 -2.71
N ILE A 260 -18.76 -3.77 -2.96
CA ILE A 260 -18.16 -3.75 -4.27
C ILE A 260 -16.85 -4.52 -4.18
N VAL A 261 -16.71 -5.54 -5.03
CA VAL A 261 -15.59 -6.45 -4.94
C VAL A 261 -14.79 -6.37 -6.25
N GLU A 262 -13.51 -6.05 -6.15
CA GLU A 262 -12.68 -5.97 -7.35
C GLU A 262 -11.51 -6.93 -7.21
N PRO A 263 -10.86 -7.32 -8.32
CA PRO A 263 -9.56 -8.02 -8.21
C PRO A 263 -8.54 -7.11 -7.52
N LEU A 264 -7.60 -7.70 -6.77
CA LEU A 264 -6.69 -6.83 -6.06
C LEU A 264 -5.59 -6.30 -6.99
N GLU A 265 -5.41 -4.98 -7.01
CA GLU A 265 -4.30 -4.47 -7.82
C GLU A 265 -3.02 -4.55 -6.98
N GLN A 266 -1.99 -5.14 -7.55
CA GLN A 266 -0.86 -5.37 -6.67
C GLN A 266 0.31 -4.44 -7.03
N LEU A 267 0.59 -3.50 -6.13
CA LEU A 267 1.67 -2.58 -6.41
C LEU A 267 2.91 -3.02 -5.63
N ASP A 268 4.07 -2.68 -6.20
CA ASP A 268 5.36 -2.86 -5.57
C ASP A 268 6.01 -1.51 -5.30
N ASP A 269 6.30 -1.32 -4.02
CA ASP A 269 6.86 -0.11 -3.48
C ASP A 269 8.13 -0.42 -2.70
N GLU A 270 8.67 -1.65 -2.86
CA GLU A 270 9.88 -2.06 -2.15
C GLU A 270 11.09 -2.10 -3.09
N ASP A 271 10.95 -2.85 -4.19
CA ASP A 271 11.94 -2.94 -5.25
C ASP A 271 11.92 -1.68 -6.10
N GLY A 272 10.72 -1.28 -6.57
CA GLY A 272 10.57 -0.05 -7.32
C GLY A 272 11.12 -0.17 -8.74
N LEU A 273 11.59 0.95 -9.29
CA LEU A 273 12.22 0.98 -10.61
C LEU A 273 13.71 1.21 -10.39
N PRO A 274 14.55 0.15 -10.23
CA PRO A 274 15.98 0.32 -10.01
C PRO A 274 16.65 0.87 -11.27
N GLU A 275 17.77 1.61 -11.10
CA GLU A 275 18.50 2.23 -12.20
C GLU A 275 18.86 1.18 -13.26
N LYS A 276 19.38 0.03 -12.81
CA LYS A 276 19.64 -1.13 -13.65
C LYS A 276 18.68 -1.10 -14.85
N LEU A 277 17.37 -1.24 -14.60
CA LEU A 277 16.35 -1.43 -15.61
C LEU A 277 16.08 -0.16 -16.40
N ALA A 278 16.22 1.00 -15.74
CA ALA A 278 15.98 2.30 -16.33
C ALA A 278 16.83 2.48 -17.59
N GLN A 279 18.14 2.31 -17.41
CA GLN A 279 19.17 2.63 -18.39
C GLN A 279 18.84 2.00 -19.74
N LYS A 280 18.08 0.89 -19.67
CA LYS A 280 17.80 0.05 -20.82
C LYS A 280 16.77 0.74 -21.71
N ASN A 281 16.87 2.06 -21.84
CA ASN A 281 15.89 2.76 -22.65
C ASN A 281 16.51 3.92 -23.41
N PRO A 282 16.10 4.16 -24.68
CA PRO A 282 16.70 5.21 -25.51
C PRO A 282 16.46 6.60 -24.92
N MET A 283 15.18 6.96 -24.82
CA MET A 283 14.75 8.23 -24.27
C MET A 283 15.47 8.49 -22.94
N TYR A 284 15.87 7.40 -22.27
CA TYR A 284 16.47 7.51 -20.95
C TYR A 284 17.69 8.43 -20.97
N GLN A 285 18.63 8.19 -21.89
CA GLN A 285 19.93 8.85 -21.83
C GLN A 285 19.76 10.34 -22.12
N LYS A 286 18.73 10.65 -22.92
CA LYS A 286 18.37 12.01 -23.24
C LYS A 286 17.78 12.68 -22.01
N GLU A 287 16.81 11.99 -21.39
CA GLU A 287 16.17 12.44 -20.16
C GLU A 287 17.20 12.62 -19.04
N ARG A 288 18.28 11.86 -19.07
CA ARG A 288 19.30 12.02 -18.04
C ARG A 288 20.11 13.29 -18.28
N GLU A 289 20.39 13.57 -19.57
CA GLU A 289 21.32 14.62 -19.96
C GLU A 289 21.07 15.91 -19.15
N THR A 290 19.79 16.33 -19.03
CA THR A 290 19.46 17.50 -18.26
C THR A 290 19.10 17.12 -16.83
N PRO A 291 19.97 17.44 -15.84
CA PRO A 291 19.70 17.04 -14.47
C PRO A 291 18.40 17.57 -13.88
N PRO A 292 18.01 17.01 -12.70
CA PRO A 292 17.08 17.68 -11.77
C PRO A 292 17.33 19.19 -11.66
N ARG A 293 16.30 19.98 -11.35
CA ARG A 293 16.38 21.45 -11.31
C ARG A 293 15.03 22.13 -11.01
N PHE A 294 15.11 23.31 -10.41
CA PHE A 294 14.02 24.28 -10.41
C PHE A 294 14.10 25.14 -11.66
N ALA A 295 12.93 25.45 -12.23
CA ALA A 295 12.92 26.09 -13.53
C ALA A 295 12.73 27.58 -13.32
N GLN A 296 13.52 28.40 -14.02
CA GLN A 296 13.46 29.82 -13.73
C GLN A 296 12.41 30.49 -14.61
N HIS A 297 11.62 31.33 -13.94
CA HIS A 297 10.78 32.32 -14.57
C HIS A 297 11.57 32.85 -15.77
N GLY A 298 10.96 32.76 -16.95
CA GLY A 298 11.56 33.31 -18.16
C GLY A 298 11.77 32.25 -19.25
N THR A 299 11.86 30.99 -18.85
CA THR A 299 12.19 29.93 -19.76
C THR A 299 10.92 29.22 -20.22
N PHE A 300 11.03 28.44 -21.30
CA PHE A 300 9.90 27.62 -21.76
C PHE A 300 9.43 26.77 -20.58
N GLU A 301 10.23 25.76 -20.23
CA GLU A 301 10.11 24.94 -19.04
C GLU A 301 9.21 25.60 -18.00
N TYR A 302 9.55 26.84 -17.64
CA TYR A 302 8.76 27.56 -16.67
C TYR A 302 7.32 27.74 -17.13
N GLU A 303 7.09 28.57 -18.17
CA GLU A 303 5.74 28.97 -18.52
C GLU A 303 4.89 27.72 -18.76
N TYR A 304 5.51 26.73 -19.42
CA TYR A 304 4.93 25.41 -19.53
C TYR A 304 4.48 24.92 -18.16
N SER A 305 5.42 24.54 -17.29
CA SER A 305 4.98 23.81 -16.12
C SER A 305 4.02 24.65 -15.25
N GLN A 306 4.15 25.98 -15.28
CA GLN A 306 3.21 26.71 -14.45
C GLN A 306 1.81 26.43 -14.98
N ARG A 307 1.72 26.17 -16.28
CA ARG A 307 0.43 26.07 -16.91
C ARG A 307 -0.13 24.67 -16.64
N TRP A 308 0.67 23.66 -16.94
CA TRP A 308 0.38 22.31 -16.49
C TRP A 308 -0.11 22.32 -15.04
N LYS A 309 0.68 22.86 -14.12
CA LYS A 309 0.23 22.92 -12.74
C LYS A 309 -1.24 23.31 -12.70
N SER A 310 -1.60 24.36 -13.41
CA SER A 310 -2.95 24.87 -13.38
C SER A 310 -3.97 23.82 -13.81
N LEU A 311 -3.69 23.17 -14.95
CA LEU A 311 -4.50 22.09 -15.47
C LEU A 311 -4.64 21.01 -14.42
N ASP A 312 -3.52 20.72 -13.74
CA ASP A 312 -3.58 19.70 -12.73
C ASP A 312 -4.50 20.13 -11.60
N GLU A 313 -4.34 21.36 -11.12
CA GLU A 313 -5.17 21.84 -10.04
C GLU A 313 -6.64 21.74 -10.41
N MET A 314 -6.93 22.07 -11.67
CA MET A 314 -8.28 22.08 -12.18
C MET A 314 -8.88 20.68 -12.11
N GLU A 315 -8.22 19.74 -12.77
CA GLU A 315 -8.60 18.35 -12.72
C GLU A 315 -8.96 17.97 -11.28
N LYS A 316 -8.10 18.33 -10.31
CA LYS A 316 -8.43 18.01 -8.93
C LYS A 316 -9.83 18.52 -8.58
N GLN A 317 -10.05 19.83 -8.73
CA GLN A 317 -11.35 20.37 -8.38
C GLN A 317 -12.43 19.60 -9.13
N GLN A 318 -12.18 19.36 -10.42
CA GLN A 318 -13.17 18.69 -11.25
C GLN A 318 -13.63 17.40 -10.56
N ARG A 319 -12.67 16.48 -10.32
CA ARG A 319 -12.80 15.20 -9.64
C ARG A 319 -13.53 15.30 -8.29
N GLU A 320 -13.00 16.15 -7.40
CA GLU A 320 -13.68 16.38 -6.13
C GLU A 320 -15.12 16.82 -6.36
N GLN A 321 -15.36 17.62 -7.41
CA GLN A 321 -16.71 18.06 -7.68
C GLN A 321 -17.60 16.84 -7.99
N VAL A 322 -17.15 15.96 -8.91
CA VAL A 322 -17.84 14.74 -9.28
C VAL A 322 -18.19 13.95 -8.01
N GLU A 323 -17.20 13.78 -7.11
CA GLU A 323 -17.38 12.97 -5.92
C GLU A 323 -18.53 13.52 -5.08
N LYS A 324 -18.57 14.85 -4.93
CA LYS A 324 -19.63 15.52 -4.17
C LYS A 324 -20.99 15.38 -4.84
N ASN A 325 -21.05 15.62 -6.15
CA ASN A 325 -22.28 15.41 -6.87
C ASN A 325 -22.78 14.02 -6.49
N MET A 326 -21.96 13.01 -6.79
CA MET A 326 -22.48 11.66 -6.74
C MET A 326 -22.69 11.28 -5.28
N LYS A 327 -21.96 11.98 -4.39
CA LYS A 327 -22.20 11.77 -2.98
C LYS A 327 -23.65 12.18 -2.72
N ASP A 328 -23.96 13.41 -3.14
CA ASP A 328 -25.22 14.07 -2.89
C ASP A 328 -26.35 13.26 -3.53
N ALA A 329 -26.13 12.80 -4.76
CA ALA A 329 -27.05 11.91 -5.42
C ALA A 329 -27.42 10.74 -4.51
N LYS A 330 -26.39 10.12 -3.91
CA LYS A 330 -26.47 8.84 -3.21
C LYS A 330 -27.31 8.98 -1.93
N ASP A 331 -27.15 10.12 -1.26
CA ASP A 331 -27.89 10.46 -0.05
C ASP A 331 -29.36 10.71 -0.38
N LYS A 332 -29.62 11.34 -1.53
CA LYS A 332 -30.99 11.60 -1.91
C LYS A 332 -31.72 10.28 -2.16
N LEU A 333 -31.01 9.29 -2.69
CA LEU A 333 -31.65 8.10 -3.23
C LEU A 333 -32.22 7.34 -2.04
N GLU A 334 -31.54 7.51 -0.90
CA GLU A 334 -32.07 7.12 0.40
C GLU A 334 -33.46 7.71 0.56
N SER A 335 -33.50 9.05 0.62
CA SER A 335 -34.69 9.86 0.86
C SER A 335 -35.76 9.65 -0.22
N GLU A 336 -35.37 9.14 -1.39
CA GLU A 336 -36.35 8.83 -2.43
C GLU A 336 -37.06 7.52 -2.09
N MET A 337 -36.34 6.39 -2.21
CA MET A 337 -36.94 5.07 -2.20
C MET A 337 -37.93 4.96 -1.05
N GLU A 338 -37.51 5.47 0.13
CA GLU A 338 -38.30 5.51 1.35
C GLU A 338 -39.77 5.58 1.01
N ASP A 339 -40.14 6.62 0.25
CA ASP A 339 -41.51 6.90 -0.15
C ASP A 339 -42.13 5.65 -0.75
N ALA A 340 -41.56 5.18 -1.87
CA ALA A 340 -42.12 4.08 -2.65
C ALA A 340 -42.48 2.91 -1.74
N TYR A 341 -41.53 2.49 -0.88
CA TYR A 341 -41.63 1.23 -0.16
C TYR A 341 -42.08 1.46 1.29
N HIS A 342 -41.21 2.09 2.10
CA HIS A 342 -41.40 2.26 3.54
C HIS A 342 -42.84 2.62 3.86
N GLU A 343 -43.41 3.48 3.00
CA GLU A 343 -44.77 3.95 3.15
C GLU A 343 -45.74 2.79 2.96
N HIS A 344 -45.41 1.88 2.03
CA HIS A 344 -46.22 0.70 1.75
C HIS A 344 -46.23 -0.26 2.94
N GLN A 345 -45.21 -0.13 3.81
CA GLN A 345 -45.11 -0.95 5.01
C GLN A 345 -45.79 -0.23 6.17
N ALA A 346 -46.24 1.02 5.93
CA ALA A 346 -47.04 1.78 6.90
C ALA A 346 -48.50 1.79 6.46
N ASN A 347 -48.80 1.10 5.35
CA ASN A 347 -50.15 0.92 4.83
C ASN A 347 -50.67 -0.46 5.26
N LEU A 348 -49.86 -1.51 5.01
CA LEU A 348 -50.15 -2.86 5.49
C LEU A 348 -50.19 -2.84 7.03
N LEU A 349 -49.68 -1.74 7.61
CA LEU A 349 -49.61 -1.52 9.05
C LEU A 349 -50.03 -0.08 9.36
N LEU B 99 22.29 -10.81 5.10
CA LEU B 99 21.16 -9.97 5.59
C LEU B 99 21.60 -8.51 5.69
N ARG B 100 22.88 -8.26 5.41
CA ARG B 100 23.46 -6.93 5.58
C ARG B 100 24.28 -6.51 4.36
N ARG B 101 24.58 -5.22 4.30
CA ARG B 101 25.40 -4.61 3.26
C ARG B 101 26.30 -3.57 3.93
N PRO B 102 27.62 -3.85 4.11
CA PRO B 102 28.56 -2.84 4.62
C PRO B 102 28.41 -1.49 3.92
N GLY B 103 28.41 -0.42 4.72
CA GLY B 103 28.15 0.91 4.24
C GLY B 103 26.72 1.07 3.71
N GLU B 104 25.75 0.65 4.52
CA GLU B 104 24.35 0.96 4.27
C GLU B 104 23.83 1.73 5.48
N LYS B 105 23.41 2.98 5.24
CA LYS B 105 23.01 3.90 6.30
C LYS B 105 22.07 3.19 7.27
N THR B 106 22.44 3.25 8.56
CA THR B 106 21.88 2.39 9.57
C THR B 106 21.29 3.24 10.69
N TYR B 107 20.30 2.65 11.37
CA TYR B 107 19.58 3.26 12.47
C TYR B 107 18.64 4.32 11.94
N THR B 108 18.12 4.05 10.73
CA THR B 108 17.05 4.82 10.10
C THR B 108 15.69 4.58 10.76
N GLN B 109 14.70 5.30 10.24
CA GLN B 109 13.34 5.17 10.73
C GLN B 109 12.77 3.82 10.28
N ARG B 110 13.25 3.30 9.14
CA ARG B 110 12.91 1.95 8.71
C ARG B 110 13.28 0.92 9.77
N CYS B 111 14.02 1.34 10.81
CA CYS B 111 14.60 0.46 11.81
C CYS B 111 13.95 0.72 13.17
N ARG B 112 12.91 1.55 13.20
CA ARG B 112 12.33 1.90 14.48
C ARG B 112 11.13 1.00 14.78
N LEU B 113 11.14 0.42 15.99
CA LEU B 113 10.09 -0.49 16.39
C LEU B 113 9.29 0.20 17.46
N PHE B 114 7.98 0.03 17.38
CA PHE B 114 7.18 0.39 18.53
C PHE B 114 6.80 -0.88 19.28
N VAL B 115 6.72 -0.76 20.61
CA VAL B 115 6.38 -1.83 21.53
C VAL B 115 5.29 -1.34 22.48
N GLY B 116 4.09 -1.92 22.38
CA GLY B 116 3.08 -1.68 23.41
C GLY B 116 2.91 -2.86 24.39
N ASN B 117 2.40 -2.56 25.59
CA ASN B 117 1.92 -3.57 26.53
C ASN B 117 3.01 -3.98 27.51
N LEU B 118 4.07 -3.18 27.58
CA LEU B 118 5.07 -3.30 28.62
C LEU B 118 4.39 -3.19 29.97
N PRO B 119 4.93 -3.88 31.01
CA PRO B 119 4.41 -3.76 32.37
C PRO B 119 4.78 -2.37 32.91
N ALA B 120 3.97 -1.86 33.83
CA ALA B 120 4.09 -0.48 34.29
C ALA B 120 5.37 -0.29 35.11
N ASP B 121 5.99 -1.42 35.47
CA ASP B 121 7.20 -1.51 36.28
C ASP B 121 8.45 -1.64 35.40
N ILE B 122 8.33 -1.24 34.12
CA ILE B 122 9.46 -1.29 33.19
C ILE B 122 10.45 -0.16 33.50
N THR B 123 11.73 -0.42 33.19
CA THR B 123 12.76 0.60 33.23
C THR B 123 13.57 0.51 31.94
N GLU B 124 14.37 1.56 31.68
CA GLU B 124 15.15 1.67 30.46
C GLU B 124 15.95 0.39 30.29
N ASP B 125 16.39 -0.17 31.41
CA ASP B 125 17.46 -1.13 31.32
C ASP B 125 16.88 -2.51 31.05
N GLU B 126 15.63 -2.71 31.48
CA GLU B 126 14.91 -3.91 31.07
C GLU B 126 14.68 -3.89 29.55
N PHE B 127 14.31 -2.72 29.02
CA PHE B 127 13.95 -2.57 27.61
C PHE B 127 15.13 -2.92 26.69
N LYS B 128 16.34 -2.44 27.02
CA LYS B 128 17.46 -2.52 26.09
C LYS B 128 17.93 -3.97 25.93
N ARG B 129 17.63 -4.78 26.97
CA ARG B 129 18.09 -6.16 27.08
C ARG B 129 17.09 -7.13 26.46
N LEU B 130 15.84 -6.69 26.37
CA LEU B 130 14.85 -7.40 25.57
C LEU B 130 15.32 -7.42 24.13
N PHE B 131 16.08 -6.40 23.72
CA PHE B 131 16.58 -6.40 22.36
C PHE B 131 18.09 -6.58 22.35
N ALA B 132 18.57 -7.24 23.40
CA ALA B 132 19.98 -7.55 23.64
C ALA B 132 20.54 -8.36 22.48
N LYS B 133 19.73 -9.29 22.00
CA LYS B 133 20.17 -10.27 21.02
C LYS B 133 20.20 -9.67 19.62
N TYR B 134 19.63 -8.46 19.44
CA TYR B 134 19.49 -7.90 18.10
C TYR B 134 20.57 -6.86 17.87
N GLY B 135 21.61 -6.94 18.70
CA GLY B 135 22.82 -6.15 18.54
C GLY B 135 22.71 -4.84 19.29
N GLU B 136 23.50 -3.87 18.81
CA GLU B 136 23.76 -2.62 19.50
C GLU B 136 22.52 -1.74 19.46
N PRO B 137 21.87 -1.45 20.61
CA PRO B 137 20.71 -0.58 20.65
C PRO B 137 21.04 0.84 20.22
N GLY B 138 20.25 1.37 19.28
CA GLY B 138 20.19 2.79 19.00
C GLY B 138 19.28 3.47 20.01
N GLU B 139 18.46 4.39 19.52
CA GLU B 139 17.83 5.37 20.39
C GLU B 139 16.59 4.74 21.03
N VAL B 140 16.16 5.28 22.19
CA VAL B 140 15.06 4.71 22.96
C VAL B 140 14.17 5.81 23.53
N PHE B 141 12.85 5.62 23.46
CA PHE B 141 11.94 6.42 24.27
C PHE B 141 10.89 5.52 24.93
N ILE B 142 10.40 5.90 26.13
CA ILE B 142 9.44 5.09 26.87
C ILE B 142 8.41 5.93 27.63
N ASN B 143 7.13 5.78 27.28
CA ASN B 143 6.10 6.21 28.21
C ASN B 143 5.85 5.09 29.22
N LYS B 144 6.62 5.11 30.34
CA LYS B 144 6.51 4.08 31.36
C LYS B 144 5.11 4.09 31.96
N GLY B 145 4.50 5.27 31.97
CA GLY B 145 3.14 5.41 32.44
C GLY B 145 2.13 4.77 31.50
N LYS B 146 2.53 4.57 30.23
CA LYS B 146 1.57 4.10 29.23
C LYS B 146 2.07 2.81 28.56
N GLY B 147 3.05 2.15 29.20
CA GLY B 147 3.51 0.82 28.81
C GLY B 147 3.82 0.71 27.32
N PHE B 148 4.50 1.73 26.77
CA PHE B 148 4.83 1.72 25.36
C PHE B 148 6.16 2.43 25.12
N GLY B 149 6.79 2.16 23.96
CA GLY B 149 8.14 2.64 23.73
C GLY B 149 8.66 2.27 22.35
N PHE B 150 9.81 2.90 21.98
CA PHE B 150 10.45 2.81 20.67
C PHE B 150 11.94 2.56 20.82
N ILE B 151 12.52 1.82 19.88
CA ILE B 151 13.95 1.58 19.80
C ILE B 151 14.34 1.44 18.34
N LYS B 152 15.49 2.02 18.01
CA LYS B 152 16.00 1.91 16.66
C LYS B 152 17.05 0.81 16.68
N LEU B 153 17.07 -0.01 15.64
CA LEU B 153 18.12 -1.01 15.54
C LEU B 153 19.05 -0.64 14.39
N GLU B 154 19.95 -1.56 14.07
CA GLU B 154 21.04 -1.23 13.19
C GLU B 154 20.54 -1.27 11.75
N SER B 155 19.43 -1.98 11.52
CA SER B 155 19.21 -2.56 10.20
C SER B 155 17.74 -2.98 10.04
N ARG B 156 17.23 -2.85 8.81
CA ARG B 156 15.87 -3.28 8.51
C ARG B 156 15.73 -4.75 8.89
N ALA B 157 16.61 -5.58 8.32
CA ALA B 157 16.60 -7.02 8.53
C ALA B 157 16.56 -7.37 10.02
N LEU B 158 17.36 -6.67 10.84
CA LEU B 158 17.25 -6.92 12.27
C LEU B 158 15.83 -6.66 12.75
N ALA B 159 15.34 -5.45 12.45
CA ALA B 159 14.11 -5.00 13.03
C ALA B 159 13.01 -5.96 12.59
N GLU B 160 13.11 -6.44 11.35
CA GLU B 160 12.13 -7.42 10.92
C GLU B 160 12.16 -8.63 11.87
N ILE B 161 13.34 -9.20 12.09
CA ILE B 161 13.48 -10.40 12.91
C ILE B 161 13.02 -10.13 14.34
N ALA B 162 13.50 -9.01 14.90
CA ALA B 162 13.05 -8.65 16.24
C ALA B 162 11.53 -8.66 16.28
N LYS B 163 10.90 -8.07 15.25
CA LYS B 163 9.45 -7.95 15.21
C LYS B 163 8.84 -9.35 15.19
N ALA B 164 9.22 -10.14 14.19
CA ALA B 164 8.74 -11.49 14.03
C ALA B 164 8.91 -12.25 15.34
N GLU B 165 10.01 -11.99 16.05
CA GLU B 165 10.36 -12.79 17.21
C GLU B 165 9.58 -12.40 18.47
N LEU B 166 9.35 -11.09 18.68
CA LEU B 166 8.84 -10.59 19.96
C LEU B 166 7.35 -10.31 19.91
N ASP B 167 6.80 -10.12 18.72
CA ASP B 167 5.43 -9.67 18.71
C ASP B 167 4.58 -10.81 19.24
N ASP B 168 3.82 -10.52 20.29
CA ASP B 168 2.79 -11.41 20.80
C ASP B 168 3.41 -12.27 21.90
N THR B 169 4.68 -11.99 22.22
CA THR B 169 5.37 -12.73 23.25
C THR B 169 4.93 -12.24 24.62
N PRO B 170 4.87 -13.13 25.62
CA PRO B 170 4.32 -12.76 26.92
C PRO B 170 5.45 -12.05 27.66
N MET B 171 5.08 -11.12 28.55
CA MET B 171 6.01 -10.33 29.33
C MET B 171 5.28 -9.80 30.56
N ARG B 172 5.43 -10.60 31.62
CA ARG B 172 5.02 -10.35 32.99
C ARG B 172 3.53 -9.99 33.04
N GLY B 173 2.73 -10.78 32.33
CA GLY B 173 1.28 -10.60 32.37
C GLY B 173 0.68 -10.45 30.98
N ARG B 174 1.25 -9.53 30.18
CA ARG B 174 0.75 -9.10 28.89
C ARG B 174 1.54 -9.77 27.76
N GLN B 175 0.90 -9.88 26.59
CA GLN B 175 1.57 -10.11 25.32
C GLN B 175 2.01 -8.76 24.76
N LEU B 176 3.26 -8.66 24.33
CA LEU B 176 3.68 -7.42 23.70
C LEU B 176 3.08 -7.35 22.32
N ARG B 177 2.58 -6.15 21.95
CA ARG B 177 2.40 -5.67 20.59
C ARG B 177 3.69 -5.01 20.10
N VAL B 178 4.33 -5.61 19.10
CA VAL B 178 5.47 -4.96 18.46
C VAL B 178 5.18 -4.74 16.99
N ARG B 179 5.31 -3.49 16.53
CA ARG B 179 5.09 -3.11 15.14
C ARG B 179 6.20 -2.18 14.69
N PHE B 180 6.33 -2.01 13.37
CA PHE B 180 7.11 -0.94 12.77
C PHE B 180 6.45 0.43 13.00
N ALA B 181 7.26 1.36 13.51
CA ALA B 181 6.88 2.75 13.82
C ALA B 181 6.52 3.55 12.55
N THR B 182 5.57 4.46 12.64
CA THR B 182 5.08 5.03 11.41
C THR B 182 5.98 6.18 10.96
N HIS B 183 6.56 6.07 9.76
CA HIS B 183 7.57 7.03 9.34
C HIS B 183 7.06 8.46 9.56
N ALA B 184 7.90 9.30 10.14
CA ALA B 184 7.42 10.65 10.37
C ALA B 184 7.85 11.62 9.26
N ALA B 185 8.86 11.28 8.44
CA ALA B 185 9.40 12.22 7.45
C ALA B 185 9.30 11.70 6.01
N ALA B 186 8.05 11.65 5.50
CA ALA B 186 7.71 10.88 4.30
C ALA B 186 6.70 11.62 3.42
N LEU B 187 6.95 11.60 2.09
CA LEU B 187 6.07 12.29 1.14
C LEU B 187 5.67 11.37 0.01
N SER B 188 4.51 11.66 -0.55
CA SER B 188 4.14 11.12 -1.84
C SER B 188 4.63 12.06 -2.96
N VAL B 189 5.23 11.50 -4.03
CA VAL B 189 5.49 12.30 -5.21
C VAL B 189 4.81 11.68 -6.43
N ARG B 190 4.26 12.57 -7.31
CA ARG B 190 3.57 12.14 -8.51
C ARG B 190 3.83 13.08 -9.71
N ASN B 191 3.59 12.53 -10.89
CA ASN B 191 3.85 13.06 -12.20
C ASN B 191 5.28 12.68 -12.56
N LEU B 192 5.57 11.38 -12.49
CA LEU B 192 6.91 10.94 -12.84
C LEU B 192 6.95 10.40 -14.27
N SER B 193 7.89 10.96 -15.03
CA SER B 193 8.31 10.30 -16.25
C SER B 193 8.76 8.90 -15.85
N PRO B 194 8.30 7.88 -16.59
CA PRO B 194 8.53 6.48 -16.21
C PRO B 194 9.96 6.04 -16.39
N TYR B 195 10.84 7.02 -16.64
CA TYR B 195 12.27 6.84 -16.83
C TYR B 195 12.99 7.15 -15.52
N VAL B 196 12.38 8.03 -14.71
CA VAL B 196 12.81 8.26 -13.34
C VAL B 196 12.87 6.93 -12.57
N SER B 197 13.91 6.81 -11.75
CA SER B 197 14.21 5.58 -11.00
C SER B 197 14.43 5.88 -9.52
N ASN B 198 14.55 4.82 -8.71
CA ASN B 198 14.73 5.00 -7.28
C ASN B 198 15.98 5.88 -7.08
N GLU B 199 17.08 5.42 -7.67
CA GLU B 199 18.36 6.09 -7.60
C GLU B 199 18.15 7.58 -7.90
N LEU B 200 17.56 7.91 -9.07
CA LEU B 200 17.39 9.29 -9.50
C LEU B 200 16.68 10.09 -8.42
N LEU B 201 15.51 9.56 -8.05
CA LEU B 201 14.56 10.20 -7.16
C LEU B 201 15.25 10.63 -5.88
N GLU B 202 16.12 9.74 -5.38
CA GLU B 202 17.01 9.96 -4.26
C GLU B 202 17.99 11.10 -4.60
N GLU B 203 18.70 10.96 -5.72
CA GLU B 203 19.64 11.96 -6.19
C GLU B 203 18.96 13.33 -6.13
N ALA B 204 17.72 13.37 -6.65
CA ALA B 204 17.02 14.62 -6.90
C ALA B 204 16.61 15.26 -5.58
N PHE B 205 16.30 14.45 -4.59
CA PHE B 205 15.67 14.99 -3.40
C PHE B 205 16.67 15.20 -2.27
N SER B 206 17.83 14.55 -2.40
CA SER B 206 18.91 14.69 -1.44
C SER B 206 19.12 16.18 -1.22
N GLN B 207 19.07 16.90 -2.34
CA GLN B 207 19.08 18.35 -2.43
C GLN B 207 18.31 19.02 -1.29
N PHE B 208 17.34 18.33 -0.68
CA PHE B 208 16.56 18.99 0.36
C PHE B 208 17.04 18.67 1.76
N GLY B 209 17.96 17.70 1.88
CA GLY B 209 18.21 17.04 3.15
C GLY B 209 18.56 15.57 2.93
N PRO B 210 19.16 14.88 3.92
CA PRO B 210 19.53 13.48 3.74
C PRO B 210 18.24 12.67 3.59
N ILE B 211 18.32 11.65 2.73
CA ILE B 211 17.20 10.82 2.33
C ILE B 211 17.39 9.44 2.95
N GLU B 212 16.43 8.98 3.75
CA GLU B 212 16.50 7.61 4.19
C GLU B 212 16.34 6.68 2.99
N ARG B 213 15.34 6.94 2.15
CA ARG B 213 14.91 5.98 1.14
C ARG B 213 14.04 6.71 0.13
N ALA B 214 14.24 6.43 -1.16
CA ALA B 214 13.34 6.94 -2.21
C ALA B 214 12.99 5.79 -3.13
N VAL B 215 11.72 5.64 -3.45
CA VAL B 215 11.33 4.46 -4.21
C VAL B 215 10.28 4.87 -5.24
N VAL B 216 10.33 4.23 -6.41
CA VAL B 216 9.23 4.43 -7.34
C VAL B 216 8.29 3.24 -7.24
N ILE B 217 6.98 3.50 -7.26
CA ILE B 217 6.01 2.43 -7.17
C ILE B 217 5.70 1.88 -8.55
N VAL B 218 6.00 0.58 -8.72
CA VAL B 218 5.85 -0.12 -9.99
C VAL B 218 4.72 -1.14 -9.91
N ASP B 219 4.04 -1.35 -11.03
CA ASP B 219 2.95 -2.30 -11.10
C ASP B 219 3.50 -3.74 -11.21
N ASP B 220 2.61 -4.69 -11.52
CA ASP B 220 2.96 -6.09 -11.63
C ASP B 220 3.90 -6.30 -12.80
N ARG B 221 3.83 -5.42 -13.82
CA ARG B 221 4.66 -5.50 -15.01
C ARG B 221 5.98 -4.77 -14.80
N GLY B 222 6.13 -4.16 -13.62
CA GLY B 222 7.34 -3.46 -13.25
C GLY B 222 7.46 -2.10 -13.94
N ARG B 223 6.35 -1.65 -14.55
CA ARG B 223 6.30 -0.37 -15.21
C ARG B 223 6.01 0.68 -14.14
N SER B 224 6.67 1.85 -14.25
CA SER B 224 6.40 2.92 -13.31
C SER B 224 4.94 3.36 -13.42
N THR B 225 4.35 3.68 -12.27
CA THR B 225 3.00 4.19 -12.17
C THR B 225 3.05 5.70 -12.01
N GLY B 226 4.25 6.28 -12.12
CA GLY B 226 4.43 7.73 -11.97
C GLY B 226 4.17 8.25 -10.56
N LYS B 227 3.87 7.38 -9.59
CA LYS B 227 3.82 7.81 -8.19
C LYS B 227 4.97 7.13 -7.47
N GLY B 228 5.54 7.80 -6.45
CA GLY B 228 6.66 7.25 -5.71
C GLY B 228 6.77 7.84 -4.31
N ILE B 229 7.62 7.24 -3.46
CA ILE B 229 7.72 7.66 -2.07
C ILE B 229 9.13 8.21 -1.79
N VAL B 230 9.20 9.25 -0.94
CA VAL B 230 10.48 9.76 -0.52
C VAL B 230 10.52 9.84 1.01
N GLU B 231 11.58 9.30 1.60
CA GLU B 231 11.73 9.20 3.05
C GLU B 231 12.99 9.95 3.48
N PHE B 232 12.81 10.97 4.33
CA PHE B 232 13.92 11.71 4.87
C PHE B 232 14.24 11.26 6.28
N ALA B 233 15.47 11.54 6.73
CA ALA B 233 15.84 11.30 8.10
C ALA B 233 14.97 12.13 9.03
N SER B 234 14.74 13.40 8.66
CA SER B 234 14.16 14.38 9.55
C SER B 234 13.00 15.07 8.87
N LYS B 235 12.07 15.62 9.67
CA LYS B 235 10.89 16.31 9.19
C LYS B 235 11.26 17.63 8.50
N PRO B 236 12.08 18.52 9.11
CA PRO B 236 12.56 19.73 8.45
C PRO B 236 12.76 19.47 6.96
N ALA B 237 13.63 18.48 6.70
CA ALA B 237 13.99 18.04 5.37
C ALA B 237 12.74 17.83 4.51
N ALA B 238 11.68 17.30 5.12
CA ALA B 238 10.47 16.94 4.42
C ALA B 238 9.57 18.16 4.22
N ARG B 239 9.56 19.06 5.21
CA ARG B 239 8.85 20.31 5.02
C ARG B 239 9.57 21.13 3.94
N LYS B 240 10.87 21.37 4.12
CA LYS B 240 11.57 22.19 3.16
C LYS B 240 11.35 21.61 1.77
N ALA B 241 11.26 20.29 1.70
CA ALA B 241 11.17 19.69 0.39
C ALA B 241 9.77 19.86 -0.17
N PHE B 242 8.78 19.84 0.72
CA PHE B 242 7.43 20.12 0.27
C PHE B 242 7.31 21.58 -0.13
N GLU B 243 8.05 22.45 0.56
CA GLU B 243 7.76 23.87 0.50
C GLU B 243 8.25 24.43 -0.83
N ARG B 244 9.57 24.40 -1.02
CA ARG B 244 10.18 24.69 -2.30
C ARG B 244 9.29 24.15 -3.41
N CYS B 245 8.83 22.92 -3.24
CA CYS B 245 8.28 22.19 -4.36
C CYS B 245 6.83 22.55 -4.66
N SER B 246 6.14 23.11 -3.66
CA SER B 246 4.83 23.70 -3.93
C SER B 246 5.00 25.14 -4.41
N GLU B 247 5.94 25.89 -3.81
CA GLU B 247 6.36 27.22 -4.24
C GLU B 247 6.85 27.17 -5.69
N GLY B 248 7.95 26.43 -5.90
CA GLY B 248 8.63 26.42 -7.17
C GLY B 248 8.01 25.45 -8.17
N VAL B 249 8.81 25.09 -9.17
CA VAL B 249 8.56 24.05 -10.14
C VAL B 249 9.84 23.25 -10.19
N PHE B 250 9.69 21.94 -9.99
CA PHE B 250 10.81 21.05 -9.80
C PHE B 250 10.82 19.98 -10.88
N LEU B 251 11.93 19.92 -11.61
CA LEU B 251 11.96 19.12 -12.82
C LEU B 251 13.07 18.10 -12.62
N LEU B 252 12.91 16.93 -13.24
CA LEU B 252 13.77 15.78 -12.92
C LEU B 252 14.68 15.45 -14.10
N THR B 253 14.18 15.76 -15.29
CA THR B 253 14.62 15.17 -16.55
C THR B 253 14.48 16.25 -17.62
N THR B 254 15.03 15.99 -18.80
CA THR B 254 14.96 16.91 -19.92
C THR B 254 13.49 17.28 -20.15
N THR B 255 12.60 16.30 -20.19
CA THR B 255 11.18 16.57 -20.33
C THR B 255 10.66 17.27 -19.06
N PRO B 256 10.14 18.51 -19.18
CA PRO B 256 9.55 19.25 -18.06
C PRO B 256 8.23 18.69 -17.56
N ARG B 257 8.33 17.55 -16.84
CA ARG B 257 7.24 17.01 -16.04
C ARG B 257 7.45 17.53 -14.63
N PRO B 258 6.63 18.53 -14.21
CA PRO B 258 6.71 19.10 -12.87
C PRO B 258 6.19 18.12 -11.82
N VAL B 259 6.90 18.02 -10.70
CA VAL B 259 6.70 16.96 -9.72
C VAL B 259 5.77 17.45 -8.61
N ILE B 260 4.67 16.71 -8.37
CA ILE B 260 3.78 17.06 -7.27
C ILE B 260 4.13 16.23 -6.02
N VAL B 261 4.08 16.89 -4.87
CA VAL B 261 4.47 16.37 -3.58
C VAL B 261 3.26 16.51 -2.69
N GLU B 262 2.89 15.44 -1.99
CA GLU B 262 1.94 15.56 -0.90
C GLU B 262 2.60 14.99 0.34
N PRO B 263 1.98 15.18 1.52
CA PRO B 263 2.28 14.35 2.69
C PRO B 263 1.81 12.92 2.39
N LEU B 264 2.54 11.91 2.88
CA LEU B 264 2.12 10.55 2.55
C LEU B 264 1.05 10.06 3.51
N GLU B 265 -0.14 9.76 2.98
CA GLU B 265 -1.29 9.21 3.67
C GLU B 265 -1.02 7.75 4.05
N GLN B 266 -1.04 7.46 5.35
CA GLN B 266 -0.54 6.17 5.79
C GLN B 266 -1.66 5.25 6.21
N LEU B 267 -1.72 4.08 5.55
CA LEU B 267 -2.87 3.20 5.69
C LEU B 267 -2.45 1.92 6.40
N ASP B 268 -3.39 1.35 7.15
CA ASP B 268 -3.09 0.11 7.84
C ASP B 268 -3.94 -1.03 7.29
N ASP B 269 -3.24 -2.05 6.80
CA ASP B 269 -3.80 -3.25 6.21
C ASP B 269 -3.33 -4.48 6.97
N GLU B 270 -2.66 -4.26 8.10
CA GLU B 270 -2.10 -5.35 8.88
C GLU B 270 -3.07 -5.67 10.00
N ASP B 271 -3.15 -4.75 10.98
CA ASP B 271 -4.03 -4.77 12.14
C ASP B 271 -5.49 -4.55 11.72
N GLY B 272 -5.73 -3.54 10.88
CA GLY B 272 -7.04 -3.38 10.27
C GLY B 272 -8.04 -2.83 11.28
N LEU B 273 -9.29 -3.36 11.30
CA LEU B 273 -10.25 -2.95 12.31
C LEU B 273 -10.78 -4.17 13.09
N PRO B 274 -10.15 -4.59 14.21
CA PRO B 274 -10.63 -5.79 14.90
C PRO B 274 -12.00 -5.49 15.52
N GLU B 275 -12.78 -6.56 15.73
CA GLU B 275 -14.13 -6.44 16.28
C GLU B 275 -14.03 -5.83 17.68
N LYS B 276 -13.05 -6.31 18.45
CA LYS B 276 -12.81 -5.82 19.80
C LYS B 276 -12.85 -4.30 19.74
N LEU B 277 -12.14 -3.75 18.75
CA LEU B 277 -11.99 -2.32 18.56
C LEU B 277 -13.30 -1.68 18.07
N ALA B 278 -14.10 -2.38 17.27
CA ALA B 278 -15.38 -1.83 16.88
C ALA B 278 -16.09 -1.28 18.12
N GLN B 279 -16.53 -0.02 18.03
CA GLN B 279 -17.13 0.71 19.15
C GLN B 279 -18.57 0.26 19.32
N LYS B 280 -18.82 -0.34 20.47
CA LYS B 280 -20.09 -1.00 20.71
C LYS B 280 -21.13 0.06 21.05
N ASN B 281 -21.07 1.17 20.30
CA ASN B 281 -22.06 2.23 20.33
C ASN B 281 -23.42 1.64 19.93
N PRO B 282 -24.52 2.42 19.99
CA PRO B 282 -25.81 1.95 19.47
C PRO B 282 -25.63 1.46 18.03
N MET B 283 -25.25 2.39 17.15
CA MET B 283 -25.17 2.23 15.71
C MET B 283 -24.41 0.95 15.33
N TYR B 284 -23.95 0.22 16.35
CA TYR B 284 -23.15 -0.97 16.12
C TYR B 284 -24.07 -2.19 15.99
N GLN B 285 -24.49 -2.76 17.14
CA GLN B 285 -25.17 -4.05 17.20
C GLN B 285 -26.35 -4.04 16.24
N LYS B 286 -26.69 -2.82 15.84
CA LYS B 286 -27.91 -2.48 15.13
C LYS B 286 -27.65 -2.60 13.63
N GLU B 287 -26.37 -2.62 13.26
CA GLU B 287 -25.95 -2.96 11.92
C GLU B 287 -25.76 -4.47 11.87
N ARG B 288 -25.55 -5.06 13.04
CA ARG B 288 -25.22 -6.47 13.12
C ARG B 288 -26.49 -7.29 13.35
N GLU B 289 -27.55 -6.62 13.78
CA GLU B 289 -28.83 -7.27 13.99
C GLU B 289 -29.18 -8.09 12.74
N THR B 290 -28.77 -7.57 11.56
CA THR B 290 -29.00 -8.27 10.32
C THR B 290 -27.69 -8.79 9.76
N PRO B 291 -27.48 -10.12 9.82
CA PRO B 291 -26.27 -10.74 9.29
C PRO B 291 -26.11 -10.58 7.78
N PRO B 292 -24.92 -10.96 7.26
CA PRO B 292 -24.68 -11.04 5.81
C PRO B 292 -25.73 -11.83 5.02
N ARG B 293 -25.81 -11.54 3.72
CA ARG B 293 -26.88 -12.03 2.85
C ARG B 293 -26.80 -11.40 1.45
N PHE B 294 -27.27 -12.14 0.44
CA PHE B 294 -27.68 -11.60 -0.84
C PHE B 294 -29.16 -11.21 -0.81
N ALA B 295 -29.45 -9.93 -1.10
CA ALA B 295 -30.82 -9.44 -1.19
C ALA B 295 -31.56 -10.12 -2.35
N GLN B 296 -32.87 -10.27 -2.22
CA GLN B 296 -33.64 -10.96 -3.25
C GLN B 296 -34.36 -9.96 -4.12
N HIS B 297 -34.44 -10.30 -5.40
CA HIS B 297 -35.14 -9.52 -6.39
C HIS B 297 -36.54 -9.19 -5.88
N GLY B 298 -36.87 -7.90 -5.90
CA GLY B 298 -38.18 -7.43 -5.52
C GLY B 298 -38.14 -6.69 -4.18
N THR B 299 -37.13 -6.94 -3.34
CA THR B 299 -37.20 -6.36 -2.01
C THR B 299 -36.58 -4.98 -2.08
N PHE B 300 -36.72 -4.21 -1.01
CA PHE B 300 -36.28 -2.84 -1.03
C PHE B 300 -34.76 -2.84 -1.09
N GLU B 301 -34.15 -3.51 -0.10
CA GLU B 301 -32.75 -3.81 -0.03
C GLU B 301 -32.21 -3.95 -1.44
N TYR B 302 -32.99 -4.60 -2.30
CA TYR B 302 -32.49 -4.92 -3.63
C TYR B 302 -32.46 -3.66 -4.47
N GLU B 303 -33.65 -3.11 -4.65
CA GLU B 303 -33.86 -1.94 -5.48
C GLU B 303 -32.90 -0.81 -5.09
N TYR B 304 -32.90 -0.42 -3.82
CA TYR B 304 -31.94 0.54 -3.31
C TYR B 304 -30.55 0.20 -3.83
N SER B 305 -30.13 -1.03 -3.55
CA SER B 305 -28.76 -1.42 -3.76
C SER B 305 -28.41 -1.40 -5.23
N GLN B 306 -29.34 -1.74 -6.12
CA GLN B 306 -29.05 -1.74 -7.55
C GLN B 306 -29.08 -0.30 -8.05
N ARG B 307 -29.88 0.53 -7.37
CA ARG B 307 -29.92 1.92 -7.73
C ARG B 307 -28.57 2.53 -7.37
N TRP B 308 -28.09 2.19 -6.15
CA TRP B 308 -26.79 2.64 -5.67
C TRP B 308 -25.71 2.25 -6.68
N LYS B 309 -25.62 0.94 -6.94
CA LYS B 309 -24.68 0.40 -7.90
C LYS B 309 -24.62 1.27 -9.15
N SER B 310 -25.78 1.72 -9.66
CA SER B 310 -25.81 2.45 -10.92
C SER B 310 -25.27 3.85 -10.69
N LEU B 311 -25.58 4.45 -9.54
CA LEU B 311 -24.99 5.72 -9.25
C LEU B 311 -23.47 5.58 -9.20
N ASP B 312 -23.02 4.42 -8.70
CA ASP B 312 -21.61 4.12 -8.49
C ASP B 312 -20.83 4.04 -9.82
N GLU B 313 -21.32 3.20 -10.75
CA GLU B 313 -20.70 3.00 -12.05
C GLU B 313 -20.78 4.29 -12.87
N MET B 314 -21.86 5.05 -12.67
CA MET B 314 -21.95 6.35 -13.26
C MET B 314 -20.76 7.15 -12.78
N GLU B 315 -20.69 7.35 -11.46
CA GLU B 315 -19.64 8.15 -10.84
C GLU B 315 -18.30 7.79 -11.50
N LYS B 316 -18.03 6.49 -11.58
CA LYS B 316 -16.86 5.96 -12.23
C LYS B 316 -16.68 6.69 -13.55
N GLN B 317 -17.42 6.25 -14.55
CA GLN B 317 -17.38 6.80 -15.87
C GLN B 317 -17.17 8.31 -15.85
N GLN B 318 -17.98 9.05 -15.08
CA GLN B 318 -17.88 10.50 -15.08
C GLN B 318 -16.45 10.90 -14.76
N ARG B 319 -15.83 10.19 -13.80
CA ARG B 319 -14.50 10.55 -13.35
C ARG B 319 -13.45 10.18 -14.41
N GLU B 320 -13.64 9.04 -15.09
CA GLU B 320 -12.79 8.65 -16.20
C GLU B 320 -12.86 9.69 -17.32
N GLN B 321 -14.04 10.27 -17.43
CA GLN B 321 -14.31 11.27 -18.43
C GLN B 321 -13.41 12.46 -18.13
N VAL B 322 -13.33 12.84 -16.84
CA VAL B 322 -12.56 14.03 -16.51
C VAL B 322 -11.09 13.72 -16.82
N GLU B 323 -10.69 12.50 -16.49
CA GLU B 323 -9.38 12.01 -16.86
C GLU B 323 -9.20 12.30 -18.35
N LYS B 324 -10.19 11.96 -19.15
CA LYS B 324 -10.04 12.07 -20.60
C LYS B 324 -9.89 13.53 -21.04
N ASN B 325 -10.84 14.38 -20.66
CA ASN B 325 -10.88 15.81 -20.89
C ASN B 325 -9.50 16.42 -20.66
N MET B 326 -9.04 16.38 -19.40
CA MET B 326 -7.79 16.99 -18.95
C MET B 326 -6.60 16.40 -19.70
N LYS B 327 -6.62 15.09 -19.94
CA LYS B 327 -5.48 14.54 -20.64
C LYS B 327 -5.26 15.37 -21.89
N ASP B 328 -6.33 15.45 -22.68
CA ASP B 328 -6.32 16.14 -23.96
CA ASP B 328 -6.32 16.14 -23.96
C ASP B 328 -5.85 17.59 -23.78
N ALA B 329 -6.43 18.29 -22.81
CA ALA B 329 -6.02 19.64 -22.50
C ALA B 329 -4.50 19.68 -22.26
N LYS B 330 -3.96 18.57 -21.76
CA LYS B 330 -2.58 18.57 -21.36
C LYS B 330 -1.74 18.29 -22.59
N ASP B 331 -2.33 17.57 -23.55
CA ASP B 331 -1.56 17.33 -24.76
C ASP B 331 -1.69 18.56 -25.67
N LYS B 332 -2.80 19.29 -25.51
CA LYS B 332 -3.01 20.49 -26.30
C LYS B 332 -2.01 21.53 -25.84
N LEU B 333 -1.87 21.61 -24.51
CA LEU B 333 -0.92 22.52 -23.91
C LEU B 333 0.48 22.17 -24.39
N GLU B 334 0.77 20.88 -24.49
CA GLU B 334 2.10 20.49 -24.90
C GLU B 334 2.44 21.16 -26.23
N SER B 335 1.78 20.70 -27.30
CA SER B 335 2.09 21.11 -28.67
C SER B 335 1.96 22.62 -28.81
N GLU B 336 0.96 23.19 -28.14
CA GLU B 336 0.81 24.62 -28.01
C GLU B 336 2.19 25.21 -27.73
N MET B 337 2.75 24.84 -26.58
CA MET B 337 3.96 25.48 -26.06
C MET B 337 5.14 25.19 -26.97
N GLU B 338 5.20 23.96 -27.49
CA GLU B 338 6.24 23.57 -28.41
C GLU B 338 6.24 24.54 -29.57
N ASP B 339 5.03 25.03 -29.89
CA ASP B 339 4.81 26.04 -30.92
C ASP B 339 5.44 27.36 -30.50
N ALA B 340 4.94 27.92 -29.39
CA ALA B 340 5.26 29.26 -28.94
C ALA B 340 6.76 29.43 -28.66
N TYR B 341 7.60 28.45 -29.04
CA TYR B 341 8.96 28.40 -28.49
C TYR B 341 9.96 27.72 -29.43
N HIS B 342 9.63 26.55 -30.00
CA HIS B 342 10.58 25.83 -30.84
C HIS B 342 11.00 26.71 -32.02
N GLU B 343 10.18 27.73 -32.29
CA GLU B 343 10.42 28.63 -33.39
C GLU B 343 11.02 29.93 -32.86
N HIS B 344 10.95 30.11 -31.54
CA HIS B 344 11.91 30.95 -30.85
C HIS B 344 13.27 30.23 -30.84
N GLN B 345 13.22 28.89 -30.83
CA GLN B 345 14.43 28.07 -30.90
C GLN B 345 14.95 28.02 -32.33
N ALA B 346 14.06 28.22 -33.31
CA ALA B 346 14.42 28.26 -34.72
C ALA B 346 15.15 29.57 -35.05
N ASN B 347 14.82 30.63 -34.31
CA ASN B 347 15.50 31.93 -34.39
C ASN B 347 16.85 31.87 -33.69
N LEU B 348 17.00 30.89 -32.78
CA LEU B 348 18.23 30.67 -32.05
C LEU B 348 19.11 29.65 -32.78
N LEU B 349 18.49 28.85 -33.66
CA LEU B 349 19.20 27.82 -34.41
C LEU B 349 20.47 28.42 -35.03
MG MG C . -16.05 -21.04 10.32
MG MG D . 12.32 -35.03 -3.72
MG MG E . 7.48 -32.65 -4.85
MG MG F . -21.20 -9.88 16.75
MG MG G . -16.41 8.12 -4.67
#